data_4JGV
#
_entry.id   4JGV
#
_cell.length_a   74.084
_cell.length_b   76.900
_cell.length_c   128.137
_cell.angle_alpha   90.00
_cell.angle_beta   90.00
_cell.angle_gamma   90.00
#
_symmetry.space_group_name_H-M   'P 21 21 21'
#
loop_
_entity.id
_entity.type
_entity.pdbx_description
1 polymer 'Nuclear receptor subfamily 4 group A member 1'
2 non-polymer 1-(3,4,5-trihydroxyphenyl)nonan-1-one
3 non-polymer GLYCEROL
4 water water
#
_entity_poly.entity_id   1
_entity_poly.type   'polypeptide(L)'
_entity_poly.pdbx_seq_one_letter_code
;SSKPKQPPDASPANLLTSLVRAHLDSGPSTAKLDYSKFQELVLPHFGKEDAGDVQQFYDLLSGSLEVIRKWAEKIPGFAE
LSPADQDLLLESAFLELFILRLAYRSKPGEGKLIFCSGLVLHRLQCARGFGDWIDSILAFSRSLHSLLVDVPAFACLSAL
VLITDRHGLQEPRRVEELQNRIASCLKEHVAAVAGEPQPASCLSRLLGKLPELRTLCTQGLQRIFYLKLEDLVPPPPIID
KIFMDTLPF
;
_entity_poly.pdbx_strand_id   A,B
#
# COMPACT_ATOMS: atom_id res chain seq x y z
N ALA A 13 -7.48 36.97 21.04
CA ALA A 13 -7.95 37.50 19.74
C ALA A 13 -9.40 37.07 19.45
N ASN A 14 -10.08 37.79 18.57
CA ASN A 14 -11.37 37.36 18.08
C ASN A 14 -11.16 36.30 17.04
N LEU A 15 -9.96 36.27 16.47
CA LEU A 15 -9.54 35.19 15.57
C LEU A 15 -9.38 33.90 16.35
N LEU A 16 -8.52 33.94 17.36
CA LEU A 16 -8.31 32.79 18.20
C LEU A 16 -9.65 32.24 18.63
N THR A 17 -10.47 33.11 19.21
CA THR A 17 -11.82 32.74 19.63
C THR A 17 -12.56 32.05 18.51
N SER A 18 -12.53 32.63 17.32
CA SER A 18 -13.23 32.03 16.19
C SER A 18 -12.71 30.64 15.92
N LEU A 19 -11.38 30.51 15.94
CA LEU A 19 -10.71 29.23 15.66
C LEU A 19 -11.08 28.15 16.68
N VAL A 20 -11.04 28.53 17.97
CA VAL A 20 -11.38 27.62 19.06
C VAL A 20 -12.84 27.20 19.02
N ARG A 21 -13.70 28.16 18.76
CA ARG A 21 -15.09 27.87 18.72
C ARG A 21 -15.34 26.93 17.56
N ALA A 22 -14.66 27.17 16.43
CA ALA A 22 -14.84 26.31 15.25
C ALA A 22 -14.44 24.85 15.55
N HIS A 23 -13.26 24.70 16.14
CA HIS A 23 -12.73 23.42 16.61
C HIS A 23 -13.66 22.64 17.55
N LEU A 24 -14.03 23.26 18.66
CA LEU A 24 -14.90 22.59 19.63
C LEU A 24 -16.22 22.20 19.01
N ASP A 25 -16.76 23.05 18.13
CA ASP A 25 -18.04 22.72 17.53
C ASP A 25 -17.92 21.57 16.56
N SER A 26 -16.71 21.18 16.19
CA SER A 26 -16.46 20.16 15.15
C SER A 26 -16.21 18.79 15.73
N GLY A 27 -16.64 18.59 16.97
CA GLY A 27 -16.34 17.38 17.66
C GLY A 27 -17.18 17.24 18.90
N PRO A 28 -17.16 16.06 19.46
CA PRO A 28 -18.05 15.72 20.54
C PRO A 28 -17.55 16.18 21.91
N SER A 29 -18.48 16.43 22.83
CA SER A 29 -18.17 16.63 24.26
C SER A 29 -18.24 15.30 25.01
N THR A 30 -17.48 15.19 26.10
CA THR A 30 -17.46 13.95 26.93
C THR A 30 -18.88 13.54 27.25
N ALA A 31 -19.71 14.53 27.53
CA ALA A 31 -21.16 14.36 27.64
C ALA A 31 -21.80 13.50 26.52
N LYS A 32 -21.53 13.79 25.26
CA LYS A 32 -22.28 13.13 24.16
C LYS A 32 -21.48 12.12 23.31
N LEU A 33 -20.50 11.47 23.95
CA LEU A 33 -19.82 10.30 23.36
C LEU A 33 -20.78 9.12 23.20
N ASP A 34 -20.56 8.34 22.14
CA ASP A 34 -21.50 7.29 21.75
C ASP A 34 -20.81 5.93 21.90
N TYR A 35 -21.14 5.25 23.00
CA TYR A 35 -20.52 3.97 23.33
C TYR A 35 -21.35 2.79 22.85
N SER A 36 -22.41 3.06 22.11
CA SER A 36 -23.32 2.01 21.63
C SER A 36 -22.62 0.85 20.92
N LYS A 37 -21.69 1.15 20.02
CA LYS A 37 -21.01 0.09 19.30
C LYS A 37 -19.65 -0.26 19.91
N PHE A 38 -19.27 0.39 21.01
CA PHE A 38 -18.04 0.05 21.70
C PHE A 38 -18.07 -1.36 22.24
N GLN A 39 -17.01 -2.11 21.99
CA GLN A 39 -16.78 -3.39 22.63
C GLN A 39 -15.36 -3.51 23.11
N GLU A 40 -15.26 -3.81 24.40
CA GLU A 40 -14.01 -3.76 25.15
C GLU A 40 -13.02 -4.80 24.61
N LEU A 41 -13.57 -5.90 24.10
CA LEU A 41 -12.77 -6.92 23.44
C LEU A 41 -13.56 -7.55 22.31
N VAL A 42 -13.01 -7.52 21.11
CA VAL A 42 -13.58 -8.20 19.99
C VAL A 42 -12.46 -9.17 19.57
N LEU A 43 -12.78 -10.30 18.93
CA LEU A 43 -11.78 -11.24 18.49
C LEU A 43 -11.77 -11.25 16.98
N PRO A 44 -10.88 -10.45 16.36
CA PRO A 44 -10.90 -10.40 14.90
C PRO A 44 -9.98 -11.45 14.21
N HIS A 45 -10.22 -11.64 12.93
CA HIS A 45 -9.36 -12.41 12.05
C HIS A 45 -8.44 -11.41 11.35
N PHE A 46 -7.19 -11.32 11.80
CA PHE A 46 -6.26 -10.23 11.41
C PHE A 46 -5.68 -10.39 9.98
N GLY A 47 -5.34 -9.28 9.32
CA GLY A 47 -4.71 -9.31 7.98
C GLY A 47 -5.70 -9.56 6.85
N LYS A 48 -6.98 -9.38 7.16
CA LYS A 48 -8.10 -9.83 6.33
C LYS A 48 -9.35 -9.05 6.82
N GLU A 49 -10.40 -8.92 5.98
CA GLU A 49 -11.62 -8.11 6.26
C GLU A 49 -12.84 -8.42 5.40
N ASP A 50 -14.03 -8.10 5.89
CA ASP A 50 -15.26 -8.25 5.11
C ASP A 50 -15.81 -6.89 4.66
N ALA A 51 -16.89 -6.91 3.89
CA ALA A 51 -17.41 -5.69 3.27
C ALA A 51 -17.93 -4.68 4.28
N GLY A 52 -18.38 -5.19 5.42
CA GLY A 52 -18.87 -4.32 6.47
C GLY A 52 -17.74 -3.58 7.13
N ASP A 53 -16.57 -4.22 7.20
CA ASP A 53 -15.42 -3.58 7.79
C ASP A 53 -15.01 -2.45 6.90
N VAL A 54 -14.99 -2.73 5.61
CA VAL A 54 -14.51 -1.76 4.65
C VAL A 54 -15.48 -0.58 4.56
N GLN A 55 -16.77 -0.88 4.63
CA GLN A 55 -17.79 0.15 4.56
C GLN A 55 -17.68 1.10 5.76
N GLN A 56 -17.45 0.53 6.91
CA GLN A 56 -17.34 1.32 8.09
C GLN A 56 -16.14 2.24 7.99
N PHE A 57 -15.04 1.70 7.49
CA PHE A 57 -13.83 2.50 7.29
C PHE A 57 -14.12 3.71 6.43
N TYR A 58 -14.76 3.48 5.30
CA TYR A 58 -15.07 4.55 4.39
C TYR A 58 -16.07 5.49 5.00
N ASP A 59 -17.05 4.95 5.70
CA ASP A 59 -18.06 5.81 6.33
C ASP A 59 -17.38 6.76 7.28
N LEU A 60 -16.43 6.24 8.05
CA LEU A 60 -15.76 7.05 9.06
C LEU A 60 -14.95 8.17 8.44
N LEU A 61 -14.25 7.84 7.36
CA LEU A 61 -13.53 8.83 6.58
C LEU A 61 -14.51 9.89 6.06
N SER A 62 -15.57 9.43 5.42
CA SER A 62 -16.60 10.31 4.85
C SER A 62 -17.16 11.26 5.89
N GLY A 63 -17.45 10.73 7.06
CA GLY A 63 -17.97 11.52 8.14
C GLY A 63 -17.03 12.60 8.56
N SER A 64 -15.73 12.32 8.48
CA SER A 64 -14.77 13.30 8.90
C SER A 64 -14.66 14.43 7.87
N LEU A 65 -14.63 14.07 6.60
CA LEU A 65 -14.64 15.10 5.56
C LEU A 65 -15.83 16.09 5.70
N GLU A 66 -17.04 15.58 5.94
CA GLU A 66 -18.19 16.44 6.06
C GLU A 66 -18.02 17.37 7.25
N VAL A 67 -17.56 16.80 8.35
CA VAL A 67 -17.26 17.59 9.55
C VAL A 67 -16.13 18.58 9.32
N ILE A 68 -15.09 18.13 8.61
CA ILE A 68 -13.97 19.00 8.38
C ILE A 68 -14.35 20.16 7.46
N ARG A 69 -15.07 19.88 6.36
CA ARG A 69 -15.59 20.98 5.54
C ARG A 69 -16.29 22.03 6.36
N LYS A 70 -17.21 21.59 7.20
CA LYS A 70 -17.98 22.52 8.00
C LYS A 70 -17.10 23.28 8.95
N TRP A 71 -16.16 22.60 9.58
CA TRP A 71 -15.12 23.26 10.41
C TRP A 71 -14.32 24.30 9.62
N ALA A 72 -13.86 23.93 8.42
CA ALA A 72 -13.03 24.81 7.62
C ALA A 72 -13.77 26.10 7.34
N GLU A 73 -15.06 25.98 7.00
CA GLU A 73 -15.86 27.13 6.62
C GLU A 73 -16.03 28.14 7.75
N LYS A 74 -15.88 27.69 8.98
CA LYS A 74 -15.96 28.59 10.13
C LYS A 74 -14.63 29.25 10.42
N ILE A 75 -13.60 28.92 9.65
CA ILE A 75 -12.31 29.60 9.81
C ILE A 75 -12.44 30.91 9.07
N PRO A 76 -12.18 32.02 9.76
CA PRO A 76 -12.31 33.34 9.17
C PRO A 76 -11.44 33.51 7.95
N GLY A 77 -12.07 33.80 6.82
CA GLY A 77 -11.34 34.03 5.58
C GLY A 77 -11.34 32.81 4.70
N PHE A 78 -11.52 31.65 5.31
CA PHE A 78 -11.47 30.44 4.52
C PHE A 78 -12.57 30.48 3.49
N ALA A 79 -13.74 30.90 3.93
CA ALA A 79 -14.93 30.87 3.07
C ALA A 79 -14.87 31.86 1.91
N GLU A 80 -13.96 32.84 1.99
CA GLU A 80 -13.83 33.84 0.94
C GLU A 80 -12.91 33.42 -0.18
N LEU A 81 -12.31 32.26 -0.10
CA LEU A 81 -11.32 31.88 -1.10
C LEU A 81 -12.04 31.33 -2.34
N SER A 82 -11.35 31.36 -3.47
CA SER A 82 -11.81 30.65 -4.64
C SER A 82 -12.43 29.29 -4.22
N PRO A 83 -13.62 28.97 -4.72
CA PRO A 83 -14.13 27.63 -4.48
C PRO A 83 -13.16 26.51 -4.82
N ALA A 84 -12.41 26.65 -5.91
CA ALA A 84 -11.40 25.64 -6.27
C ALA A 84 -10.30 25.56 -5.23
N ASP A 85 -9.89 26.73 -4.73
CA ASP A 85 -8.89 26.80 -3.68
C ASP A 85 -9.38 26.16 -2.40
N GLN A 86 -10.66 26.37 -2.11
CA GLN A 86 -11.26 25.74 -0.95
C GLN A 86 -11.17 24.22 -1.03
N ASP A 87 -11.60 23.69 -2.18
CA ASP A 87 -11.60 22.24 -2.41
C ASP A 87 -10.20 21.69 -2.41
N LEU A 88 -9.29 22.43 -3.02
CA LEU A 88 -7.91 21.99 -3.11
C LEU A 88 -7.31 21.91 -1.73
N LEU A 89 -7.53 22.93 -0.93
CA LEU A 89 -6.91 22.94 0.40
C LEU A 89 -7.47 21.83 1.22
N LEU A 90 -8.77 21.60 1.11
CA LEU A 90 -9.40 20.52 1.85
C LEU A 90 -8.99 19.12 1.41
N GLU A 91 -8.81 18.89 0.13
CA GLU A 91 -8.39 17.59 -0.34
C GLU A 91 -6.97 17.26 0.05
N SER A 92 -6.10 18.27 -0.05
CA SER A 92 -4.68 18.10 0.20
C SER A 92 -4.47 17.88 1.67
N ALA A 93 -5.33 18.48 2.49
CA ALA A 93 -5.14 18.41 3.91
C ALA A 93 -5.99 17.35 4.61
N PHE A 94 -6.83 16.63 3.89
CA PHE A 94 -7.84 15.84 4.57
C PHE A 94 -7.27 14.73 5.45
N LEU A 95 -6.53 13.81 4.85
CA LEU A 95 -5.96 12.68 5.60
C LEU A 95 -5.18 13.18 6.77
N GLU A 96 -4.28 14.12 6.55
CA GLU A 96 -3.47 14.64 7.61
C GLU A 96 -4.33 15.26 8.69
N LEU A 97 -5.40 15.96 8.31
CA LEU A 97 -6.33 16.53 9.32
C LEU A 97 -7.10 15.43 10.09
N PHE A 98 -7.57 14.44 9.36
CA PHE A 98 -8.27 13.30 9.95
C PHE A 98 -7.44 12.59 11.03
N ILE A 99 -6.19 12.36 10.72
CA ILE A 99 -5.28 11.65 11.57
C ILE A 99 -4.98 12.48 12.79
N LEU A 100 -4.69 13.76 12.58
CA LEU A 100 -4.25 14.63 13.67
C LEU A 100 -5.36 14.87 14.65
N ARG A 101 -6.55 15.12 14.14
CA ARG A 101 -7.69 15.38 14.99
C ARG A 101 -8.10 14.13 15.75
N LEU A 102 -8.07 12.99 15.06
CA LEU A 102 -8.33 11.72 15.70
C LEU A 102 -7.31 11.37 16.80
N ALA A 103 -6.05 11.61 16.52
CA ALA A 103 -5.00 11.31 17.48
C ALA A 103 -5.12 12.22 18.71
N TYR A 104 -5.51 13.46 18.50
CA TYR A 104 -5.63 14.40 19.60
C TYR A 104 -6.85 14.03 20.47
N ARG A 105 -7.86 13.46 19.85
CA ARG A 105 -9.14 13.18 20.49
C ARG A 105 -9.12 11.84 21.26
N SER A 106 -8.34 10.89 20.77
CA SER A 106 -8.43 9.54 21.23
C SER A 106 -7.69 9.33 22.56
N LYS A 107 -7.88 8.14 23.14
CA LYS A 107 -7.29 7.79 24.42
C LYS A 107 -6.50 6.53 24.19
N PRO A 108 -5.22 6.67 23.90
CA PRO A 108 -4.44 5.50 23.57
C PRO A 108 -4.20 4.59 24.77
N GLY A 109 -4.32 5.15 25.98
CA GLY A 109 -4.10 4.41 27.22
C GLY A 109 -5.20 3.43 27.54
N GLU A 110 -6.32 3.56 26.84
CA GLU A 110 -7.41 2.59 26.89
C GLU A 110 -7.63 1.90 25.58
N GLY A 111 -6.71 2.14 24.64
CA GLY A 111 -6.82 1.55 23.32
C GLY A 111 -8.05 2.01 22.55
N LYS A 112 -8.57 3.17 22.91
CA LYS A 112 -9.81 3.58 22.30
C LYS A 112 -9.69 4.86 21.44
N LEU A 113 -10.28 4.72 20.24
CA LEU A 113 -10.33 5.72 19.20
C LEU A 113 -11.66 6.43 19.27
N ILE A 114 -11.63 7.75 19.23
CA ILE A 114 -12.85 8.51 19.30
C ILE A 114 -12.99 9.31 18.04
N PHE A 115 -14.09 9.13 17.35
CA PHE A 115 -14.29 9.79 16.09
C PHE A 115 -15.11 11.03 16.34
N CYS A 116 -15.24 11.88 15.32
CA CYS A 116 -15.89 13.18 15.51
C CYS A 116 -17.41 13.12 15.66
N SER A 117 -18.01 11.97 15.37
CA SER A 117 -19.41 11.74 15.65
C SER A 117 -19.65 11.41 17.12
N GLY A 118 -18.57 11.25 17.88
CA GLY A 118 -18.69 10.83 19.26
C GLY A 118 -18.46 9.32 19.31
N LEU A 119 -18.57 8.67 18.15
CA LEU A 119 -18.41 7.22 18.08
C LEU A 119 -17.10 6.79 18.71
N VAL A 120 -17.20 5.78 19.56
CA VAL A 120 -16.07 5.25 20.26
C VAL A 120 -15.94 3.81 19.86
N LEU A 121 -14.76 3.45 19.39
CA LEU A 121 -14.41 2.09 19.00
C LEU A 121 -13.03 1.76 19.54
N HIS A 122 -12.78 0.47 19.65
CA HIS A 122 -11.59 -0.02 20.30
C HIS A 122 -10.66 -0.42 19.21
N ARG A 123 -9.37 -0.41 19.53
CA ARG A 123 -8.31 -0.84 18.59
C ARG A 123 -8.66 -2.05 17.74
N LEU A 124 -9.17 -3.07 18.42
CA LEU A 124 -9.49 -4.36 17.82
C LEU A 124 -10.71 -4.33 16.90
N GLN A 125 -11.62 -3.40 17.15
CA GLN A 125 -12.77 -3.23 16.29
C GLN A 125 -12.45 -2.48 15.01
N CYS A 126 -11.34 -1.74 14.98
CA CYS A 126 -10.91 -1.02 13.78
C CYS A 126 -9.80 -1.76 13.06
N ALA A 127 -9.06 -2.59 13.77
CA ALA A 127 -7.96 -3.35 13.19
C ALA A 127 -8.33 -4.04 11.87
N ARG A 128 -9.53 -4.55 11.76
CA ARG A 128 -9.94 -5.24 10.54
C ARG A 128 -9.96 -4.35 9.29
N GLY A 129 -10.69 -3.25 9.35
CA GLY A 129 -10.82 -2.32 8.24
C GLY A 129 -9.69 -1.32 8.05
N PHE A 130 -9.10 -0.83 9.12
CA PHE A 130 -7.94 0.10 9.03
C PHE A 130 -6.59 -0.58 8.89
N GLY A 131 -6.52 -1.84 9.31
CA GLY A 131 -5.25 -2.53 9.40
C GLY A 131 -4.34 -1.89 10.42
N ASP A 132 -3.03 -2.07 10.21
CA ASP A 132 -1.94 -1.52 11.05
C ASP A 132 -2.00 -0.05 11.32
N TRP A 133 -2.46 0.67 10.31
CA TRP A 133 -2.55 2.12 10.37
C TRP A 133 -3.14 2.56 11.72
N ILE A 134 -4.18 1.87 12.18
CA ILE A 134 -4.83 2.30 13.40
C ILE A 134 -3.91 2.20 14.62
N ASP A 135 -3.03 1.20 14.62
CA ASP A 135 -2.08 1.04 15.69
C ASP A 135 -1.06 2.20 15.66
N SER A 136 -0.68 2.61 14.45
CA SER A 136 0.31 3.67 14.26
C SER A 136 -0.26 5.05 14.53
N ILE A 137 -1.54 5.21 14.21
CA ILE A 137 -2.22 6.43 14.59
C ILE A 137 -2.21 6.53 16.10
N LEU A 138 -2.50 5.42 16.78
CA LEU A 138 -2.49 5.41 18.27
C LEU A 138 -1.16 5.70 18.88
N ALA A 139 -0.10 5.25 18.22
CA ALA A 139 1.25 5.51 18.69
C ALA A 139 1.50 6.98 18.62
N PHE A 140 1.08 7.59 17.51
CA PHE A 140 1.22 9.04 17.35
C PHE A 140 0.41 9.83 18.39
N SER A 141 -0.73 9.28 18.76
CA SER A 141 -1.62 9.93 19.71
C SER A 141 -0.93 10.04 21.03
N ARG A 142 -0.34 8.93 21.47
CA ARG A 142 0.53 8.91 22.63
C ARG A 142 1.55 10.02 22.55
N SER A 143 2.34 10.01 21.48
CA SER A 143 3.45 10.95 21.38
C SER A 143 2.98 12.41 21.26
N LEU A 144 1.82 12.62 20.66
CA LEU A 144 1.23 13.96 20.62
C LEU A 144 0.84 14.40 22.00
N HIS A 145 0.14 13.53 22.70
CA HIS A 145 -0.37 13.84 24.02
C HIS A 145 0.75 14.18 24.98
N SER A 146 1.94 13.66 24.74
CA SER A 146 3.05 13.87 25.66
C SER A 146 3.58 15.31 25.63
N LEU A 147 3.61 15.95 24.46
CA LEU A 147 3.77 17.43 24.40
C LEU A 147 2.39 17.82 24.78
N LEU A 148 2.18 18.87 25.54
CA LEU A 148 0.85 19.01 26.11
C LEU A 148 0.20 20.20 25.44
N VAL A 149 -0.48 19.96 24.31
CA VAL A 149 -0.92 21.06 23.45
C VAL A 149 -2.34 21.50 23.79
N ASP A 150 -2.45 22.72 24.29
CA ASP A 150 -3.75 23.21 24.71
C ASP A 150 -4.63 23.54 23.52
N VAL A 151 -5.92 23.53 23.79
CA VAL A 151 -6.91 23.59 22.73
C VAL A 151 -6.73 24.76 21.77
N PRO A 152 -6.48 25.96 22.29
CA PRO A 152 -6.25 27.07 21.36
C PRO A 152 -5.05 26.84 20.44
N ALA A 153 -3.92 26.40 21.01
CA ALA A 153 -2.76 26.02 20.19
C ALA A 153 -3.11 24.96 19.13
N PHE A 154 -3.93 23.99 19.51
CA PHE A 154 -4.37 23.00 18.56
C PHE A 154 -5.29 23.60 17.52
N ALA A 155 -6.15 24.53 17.92
CA ALA A 155 -7.11 25.11 17.01
C ALA A 155 -6.36 25.90 15.95
N CYS A 156 -5.21 26.43 16.34
CA CYS A 156 -4.37 27.16 15.39
C CYS A 156 -3.61 26.21 14.48
N LEU A 157 -3.00 25.21 15.07
CA LEU A 157 -2.23 24.25 14.29
C LEU A 157 -3.05 23.52 13.28
N SER A 158 -4.24 23.08 13.63
CA SER A 158 -5.07 22.35 12.70
C SER A 158 -5.36 23.26 11.50
N ALA A 159 -5.65 24.52 11.78
CA ALA A 159 -5.96 25.47 10.73
C ALA A 159 -4.75 25.63 9.84
N LEU A 160 -3.57 25.64 10.46
CA LEU A 160 -2.33 25.79 9.71
C LEU A 160 -2.01 24.64 8.76
N VAL A 161 -2.52 23.46 9.08
CA VAL A 161 -2.33 22.28 8.27
C VAL A 161 -3.15 22.50 7.02
N LEU A 162 -4.31 23.10 7.17
CA LEU A 162 -5.24 23.28 6.06
C LEU A 162 -4.79 24.44 5.15
N ILE A 163 -4.49 25.56 5.80
CA ILE A 163 -4.26 26.83 5.15
C ILE A 163 -2.77 26.92 4.93
N THR A 164 -2.32 26.54 3.75
CA THR A 164 -0.91 26.36 3.52
C THR A 164 -0.70 26.30 2.02
N ASP A 165 0.52 26.53 1.57
CA ASP A 165 0.79 26.44 0.16
C ASP A 165 0.51 25.04 -0.39
N ARG A 166 -0.27 24.97 -1.46
CA ARG A 166 -0.42 23.75 -2.24
C ARG A 166 -0.22 24.10 -3.70
N HIS A 167 0.31 23.15 -4.45
CA HIS A 167 0.46 23.33 -5.86
C HIS A 167 -0.91 23.38 -6.52
N GLY A 168 -1.14 24.42 -7.31
CA GLY A 168 -2.39 24.56 -8.09
C GLY A 168 -3.34 25.62 -7.59
N LEU A 169 -2.99 26.25 -6.47
CA LEU A 169 -3.80 27.33 -5.93
C LEU A 169 -3.95 28.46 -6.94
N GLN A 170 -5.16 28.98 -7.04
CA GLN A 170 -5.44 30.17 -7.83
C GLN A 170 -4.96 31.44 -7.15
N GLU A 171 -5.11 31.56 -5.84
CA GLU A 171 -4.72 32.78 -5.17
C GLU A 171 -3.75 32.47 -4.03
N PRO A 172 -2.59 31.90 -4.36
CA PRO A 172 -1.60 31.52 -3.36
C PRO A 172 -1.33 32.57 -2.28
N ARG A 173 -1.36 33.84 -2.65
CA ARG A 173 -0.96 34.92 -1.74
C ARG A 173 -2.00 35.21 -0.64
N ARG A 174 -3.27 35.09 -0.99
CA ARG A 174 -4.38 35.25 -0.02
C ARG A 174 -4.29 34.16 1.03
N VAL A 175 -3.92 32.97 0.57
CA VAL A 175 -3.74 31.82 1.43
C VAL A 175 -2.54 32.08 2.33
N GLU A 176 -1.44 32.55 1.77
CA GLU A 176 -0.25 32.84 2.59
C GLU A 176 -0.52 33.94 3.59
N GLU A 177 -1.39 34.87 3.22
CA GLU A 177 -1.74 35.94 4.13
C GLU A 177 -2.48 35.38 5.30
N LEU A 178 -3.45 34.55 4.98
CA LEU A 178 -4.29 33.93 5.97
C LEU A 178 -3.47 33.02 6.86
N GLN A 179 -2.52 32.30 6.29
CA GLN A 179 -1.45 31.65 7.07
C GLN A 179 -0.81 32.57 8.04
N ASN A 180 -0.31 33.71 7.56
CA ASN A 180 0.47 34.62 8.41
C ASN A 180 -0.40 35.06 9.58
N ARG A 181 -1.65 35.39 9.30
CA ARG A 181 -2.57 35.80 10.35
C ARG A 181 -2.70 34.76 11.45
N ILE A 182 -2.89 33.51 11.03
CA ILE A 182 -3.12 32.41 11.97
C ILE A 182 -1.85 32.08 12.74
N ALA A 183 -0.72 32.20 12.08
CA ALA A 183 0.55 32.01 12.78
C ALA A 183 0.80 33.07 13.85
N SER A 184 0.43 34.32 13.60
CA SER A 184 0.59 35.38 14.59
C SER A 184 -0.27 35.05 15.77
N CYS A 185 -1.50 34.66 15.47
CA CYS A 185 -2.48 34.31 16.48
C CYS A 185 -1.90 33.28 17.45
N LEU A 186 -1.32 32.25 16.87
CA LEU A 186 -0.73 31.18 17.63
C LEU A 186 0.39 31.73 18.49
N LYS A 187 1.27 32.50 17.87
CA LYS A 187 2.43 33.11 18.55
C LYS A 187 2.01 33.89 19.79
N GLU A 188 1.00 34.74 19.65
CA GLU A 188 0.55 35.56 20.76
C GLU A 188 -0.03 34.69 21.82
N HIS A 189 -0.81 33.69 21.43
CA HIS A 189 -1.32 32.75 22.40
C HIS A 189 -0.24 32.00 23.17
N VAL A 190 0.79 31.53 22.48
CA VAL A 190 1.87 30.83 23.14
C VAL A 190 2.62 31.73 24.14
N ALA A 191 2.79 33.00 23.79
CA ALA A 191 3.39 34.01 24.68
C ALA A 191 2.49 34.36 25.88
N ALA A 192 1.19 34.57 25.62
CA ALA A 192 0.19 34.74 26.66
C ALA A 192 0.26 33.66 27.77
N VAL A 193 0.36 32.40 27.37
CA VAL A 193 0.59 31.29 28.32
C VAL A 193 1.93 31.32 29.07
N ALA A 194 3.06 31.49 28.38
CA ALA A 194 4.37 31.47 29.06
C ALA A 194 5.12 32.81 28.89
N GLU A 196 7.18 35.06 25.67
CA GLU A 196 7.82 35.76 24.56
C GLU A 196 8.87 34.80 23.94
N PRO A 197 8.69 34.37 22.67
CA PRO A 197 9.42 33.21 22.13
C PRO A 197 10.62 33.49 21.26
N PRO A 199 9.89 31.22 18.08
CA PRO A 199 9.70 29.90 17.46
C PRO A 199 10.69 28.86 17.99
N ALA A 200 10.43 28.14 19.10
CA ALA A 200 9.14 28.07 19.86
C ALA A 200 8.31 29.34 19.99
N LEU A 203 7.82 24.77 20.23
CA LEU A 203 7.39 24.58 18.85
C LEU A 203 8.22 23.56 18.07
N SER A 204 9.54 23.57 18.24
CA SER A 204 10.37 22.69 17.43
C SER A 204 10.23 21.28 17.91
N ARG A 205 9.84 21.15 19.18
CA ARG A 205 9.60 19.84 19.78
C ARG A 205 8.37 19.19 19.13
N LEU A 206 7.38 20.02 18.86
CA LEU A 206 6.20 19.60 18.18
C LEU A 206 6.44 19.25 16.70
N LEU A 207 7.19 20.10 16.00
CA LEU A 207 7.53 19.86 14.60
C LEU A 207 8.39 18.60 14.44
N GLY A 208 9.07 18.22 15.51
CA GLY A 208 9.84 16.97 15.54
C GLY A 208 8.95 15.77 15.33
N LYS A 209 7.65 15.94 15.62
CA LYS A 209 6.62 14.89 15.58
C LYS A 209 5.95 14.80 14.20
N LEU A 210 6.27 15.76 13.35
CA LEU A 210 5.63 15.95 12.05
C LEU A 210 5.98 14.93 10.93
N PRO A 211 7.21 14.40 10.91
CA PRO A 211 7.56 13.17 10.19
C PRO A 211 6.69 11.96 10.51
N GLU A 212 6.33 11.77 11.77
CA GLU A 212 5.47 10.65 12.13
C GLU A 212 4.14 10.84 11.41
N LEU A 213 3.69 12.09 11.37
CA LEU A 213 2.39 12.40 10.77
C LEU A 213 2.40 12.24 9.28
N ARG A 214 3.48 12.61 8.63
CA ARG A 214 3.56 12.47 7.19
C ARG A 214 3.50 11.02 6.82
N THR A 215 4.26 10.24 7.57
CA THR A 215 4.31 8.82 7.37
C THR A 215 2.95 8.20 7.50
N LEU A 216 2.19 8.65 8.48
CA LEU A 216 0.86 8.16 8.71
C LEU A 216 -0.11 8.49 7.58
N CYS A 217 0.04 9.67 6.97
CA CYS A 217 -0.71 9.97 5.75
C CYS A 217 -0.37 8.96 4.63
N THR A 218 0.89 8.60 4.52
CA THR A 218 1.25 7.63 3.54
C THR A 218 0.56 6.29 3.79
N GLN A 219 0.65 5.78 5.02
CA GLN A 219 -0.08 4.57 5.40
C GLN A 219 -1.56 4.62 5.03
N GLY A 220 -2.17 5.78 5.25
CA GLY A 220 -3.55 5.97 4.86
C GLY A 220 -3.71 5.71 3.39
N LEU A 221 -2.84 6.31 2.59
CA LEU A 221 -2.94 6.17 1.12
C LEU A 221 -2.73 4.73 0.71
N GLN A 222 -1.82 4.07 1.41
CA GLN A 222 -1.50 2.70 1.10
C GLN A 222 -2.64 1.75 1.42
N ARG A 223 -3.35 2.07 2.49
CA ARG A 223 -4.48 1.27 2.90
C ARG A 223 -5.58 1.38 1.90
N ILE A 224 -5.82 2.59 1.40
CA ILE A 224 -6.91 2.82 0.46
C ILE A 224 -6.58 2.16 -0.85
N PHE A 225 -5.32 2.27 -1.25
CA PHE A 225 -4.85 1.56 -2.41
C PHE A 225 -5.17 0.09 -2.30
N TYR A 226 -4.91 -0.47 -1.13
CA TYR A 226 -5.06 -1.90 -0.92
C TYR A 226 -6.51 -2.32 -0.94
N LEU A 227 -7.35 -1.48 -0.36
CA LEU A 227 -8.76 -1.77 -0.33
C LEU A 227 -9.34 -1.56 -1.71
N LYS A 228 -8.76 -0.63 -2.45
CA LYS A 228 -9.19 -0.38 -3.81
C LYS A 228 -8.84 -1.54 -4.72
N LEU A 229 -7.69 -2.13 -4.50
CA LEU A 229 -7.35 -3.39 -5.14
C LEU A 229 -8.41 -4.43 -4.86
N GLU A 230 -8.61 -4.72 -3.59
CA GLU A 230 -9.50 -5.77 -3.13
C GLU A 230 -10.95 -5.51 -3.55
N ASP A 231 -11.32 -4.27 -3.49
CA ASP A 231 -12.63 -3.85 -3.93
C ASP A 231 -13.84 -4.64 -3.42
N LEU A 232 -13.92 -4.91 -2.14
CA LEU A 232 -15.13 -5.49 -1.59
C LEU A 232 -16.28 -4.51 -1.74
N VAL A 233 -16.00 -3.26 -1.42
CA VAL A 233 -16.90 -2.16 -1.70
C VAL A 233 -16.05 -1.01 -2.22
N PRO A 234 -16.61 -0.22 -3.13
CA PRO A 234 -15.83 0.86 -3.74
C PRO A 234 -15.77 2.10 -2.86
N PRO A 235 -14.73 2.91 -3.04
CA PRO A 235 -14.66 4.07 -2.19
C PRO A 235 -15.79 5.01 -2.54
N PRO A 236 -16.25 5.81 -1.57
CA PRO A 236 -17.14 6.88 -1.92
C PRO A 236 -16.44 7.83 -2.85
N PRO A 237 -17.18 8.45 -3.77
CA PRO A 237 -16.55 9.23 -4.85
C PRO A 237 -15.65 10.35 -4.37
N ILE A 238 -16.05 11.03 -3.29
CA ILE A 238 -15.32 12.20 -2.82
C ILE A 238 -13.97 11.77 -2.26
N ILE A 239 -13.97 10.62 -1.57
CA ILE A 239 -12.76 10.04 -0.97
C ILE A 239 -11.86 9.52 -2.07
N ASP A 240 -12.46 8.80 -3.00
CA ASP A 240 -11.76 8.31 -4.17
C ASP A 240 -11.10 9.45 -4.98
N LYS A 241 -11.79 10.58 -5.07
CA LYS A 241 -11.26 11.73 -5.78
C LYS A 241 -9.99 12.27 -5.11
N ILE A 242 -10.02 12.31 -3.78
CA ILE A 242 -8.90 12.78 -2.98
C ILE A 242 -7.74 11.85 -3.15
N PHE A 243 -8.03 10.55 -3.10
CA PHE A 243 -7.01 9.54 -3.25
C PHE A 243 -6.26 9.80 -4.53
N MET A 244 -7.01 9.95 -5.63
CA MET A 244 -6.40 10.10 -6.95
C MET A 244 -5.70 11.44 -7.10
N ASP A 245 -6.36 12.52 -6.68
CA ASP A 245 -5.83 13.88 -6.88
C ASP A 245 -4.53 14.07 -6.13
N THR A 246 -4.40 13.41 -4.99
CA THR A 246 -3.25 13.60 -4.11
C THR A 246 -2.08 12.68 -4.45
N LEU A 247 -2.22 11.88 -5.51
CA LEU A 247 -1.11 11.06 -5.99
C LEU A 247 -0.26 11.88 -6.93
N PRO A 248 1.05 12.04 -6.61
CA PRO A 248 1.96 12.77 -7.49
C PRO A 248 2.39 11.98 -8.74
N PHE A 249 1.42 11.48 -9.50
CA PHE A 249 1.63 10.77 -10.78
C PHE A 249 0.29 10.39 -11.41
N ALA B 13 5.07 -37.05 -21.91
CA ALA B 13 4.49 -36.31 -23.08
C ALA B 13 5.57 -35.51 -23.82
N ASN B 14 5.29 -35.18 -25.07
CA ASN B 14 6.13 -34.24 -25.80
C ASN B 14 5.82 -32.83 -25.35
N LEU B 15 4.61 -32.66 -24.79
CA LEU B 15 4.24 -31.43 -24.16
C LEU B 15 5.07 -31.22 -22.90
N LEU B 16 4.98 -32.16 -21.98
CA LEU B 16 5.73 -32.09 -20.74
C LEU B 16 7.20 -31.79 -21.06
N THR B 17 7.78 -32.58 -21.95
CA THR B 17 9.15 -32.35 -22.40
C THR B 17 9.36 -30.92 -22.87
N SER B 18 8.44 -30.42 -23.68
CA SER B 18 8.56 -29.06 -24.18
C SER B 18 8.56 -28.06 -23.03
N LEU B 19 7.68 -28.31 -22.07
CA LEU B 19 7.53 -27.44 -20.90
C LEU B 19 8.75 -27.42 -20.01
N VAL B 20 9.30 -28.60 -19.74
CA VAL B 20 10.52 -28.76 -18.94
C VAL B 20 11.76 -28.14 -19.60
N ARG B 21 11.87 -28.35 -20.91
CA ARG B 21 12.99 -27.81 -21.65
C ARG B 21 12.89 -26.30 -21.58
N ALA B 22 11.67 -25.78 -21.74
CA ALA B 22 11.49 -24.32 -21.73
C ALA B 22 11.91 -23.70 -20.40
N HIS B 23 11.43 -24.31 -19.32
CA HIS B 23 11.79 -23.96 -17.96
C HIS B 23 13.30 -23.92 -17.66
N LEU B 24 13.97 -25.04 -17.90
CA LEU B 24 15.39 -25.15 -17.61
C LEU B 24 16.21 -24.16 -18.42
N ASP B 25 15.78 -23.88 -19.65
CA ASP B 25 16.53 -22.96 -20.49
C ASP B 25 16.38 -21.55 -20.00
N SER B 26 15.43 -21.30 -19.08
CA SER B 26 15.06 -19.95 -18.63
C SER B 26 15.68 -19.54 -17.30
N GLY B 27 16.78 -20.17 -16.89
CA GLY B 27 17.42 -19.81 -15.64
C GLY B 27 18.87 -20.21 -15.63
N PRO B 28 19.59 -19.86 -14.54
CA PRO B 28 20.99 -20.17 -14.45
C PRO B 28 21.24 -21.62 -14.08
N SER B 29 22.39 -22.13 -14.54
CA SER B 29 22.97 -23.40 -14.14
C SER B 29 23.70 -23.23 -12.84
N THR B 30 23.65 -24.24 -11.97
CA THR B 30 24.43 -24.21 -10.73
C THR B 30 25.87 -23.83 -11.07
N ALA B 31 26.34 -24.33 -12.21
CA ALA B 31 27.61 -23.90 -12.80
C ALA B 31 27.81 -22.36 -12.87
N LYS B 32 26.84 -21.62 -13.37
CA LYS B 32 27.06 -20.20 -13.64
C LYS B 32 26.33 -19.24 -12.67
N LEU B 33 26.11 -19.68 -11.44
CA LEU B 33 25.67 -18.81 -10.36
C LEU B 33 26.74 -17.79 -10.03
N ASP B 34 26.30 -16.60 -9.67
CA ASP B 34 27.21 -15.48 -9.46
C ASP B 34 27.17 -15.03 -8.00
N TYR B 35 28.18 -15.45 -7.24
CA TYR B 35 28.29 -15.11 -5.81
C TYR B 35 29.06 -13.86 -5.52
N SER B 36 29.50 -13.16 -6.56
CA SER B 36 30.39 -11.99 -6.40
C SER B 36 29.83 -10.97 -5.42
N LYS B 37 28.54 -10.67 -5.52
CA LYS B 37 28.01 -9.64 -4.67
C LYS B 37 27.37 -10.22 -3.44
N PHE B 38 27.41 -11.54 -3.29
CA PHE B 38 26.85 -12.18 -2.11
C PHE B 38 27.62 -11.75 -0.87
N GLN B 39 26.90 -11.32 0.17
CA GLN B 39 27.47 -11.00 1.49
C GLN B 39 26.63 -11.65 2.58
N GLU B 40 27.26 -12.49 3.41
CA GLU B 40 26.59 -13.14 4.54
C GLU B 40 26.14 -12.11 5.58
N LEU B 41 26.92 -11.04 5.72
CA LEU B 41 26.81 -10.11 6.84
C LEU B 41 26.70 -8.66 6.34
N VAL B 42 26.01 -7.81 7.12
CA VAL B 42 25.79 -6.38 6.78
C VAL B 42 25.07 -5.64 7.93
N LEU B 43 24.90 -4.32 7.79
CA LEU B 43 23.88 -3.51 8.55
C LEU B 43 23.91 -2.00 8.17
N PRO B 44 22.84 -1.21 8.48
CA PRO B 44 21.66 -1.52 9.28
C PRO B 44 20.42 -1.90 8.44
N LYS B 48 14.53 4.69 5.36
CA LYS B 48 14.91 3.30 5.54
C LYS B 48 15.76 2.78 4.37
N GLU B 49 15.47 3.26 3.16
CA GLU B 49 16.22 2.84 1.98
C GLU B 49 16.63 4.02 1.12
N ASP B 50 17.69 3.83 0.36
CA ASP B 50 18.21 4.85 -0.52
C ASP B 50 17.92 4.51 -1.97
N ALA B 51 18.35 5.39 -2.86
CA ALA B 51 18.05 5.26 -4.28
C ALA B 51 18.68 4.04 -4.91
N GLY B 52 19.82 3.62 -4.36
CA GLY B 52 20.53 2.45 -4.85
C GLY B 52 19.80 1.17 -4.52
N ASP B 53 19.11 1.17 -3.38
CA ASP B 53 18.27 0.03 -3.00
C ASP B 53 17.08 -0.08 -3.95
N VAL B 54 16.47 1.05 -4.25
CA VAL B 54 15.29 1.07 -5.09
C VAL B 54 15.65 0.71 -6.53
N GLN B 55 16.81 1.19 -6.98
CA GLN B 55 17.27 0.90 -8.33
C GLN B 55 17.52 -0.60 -8.50
N GLN B 56 18.14 -1.20 -7.49
CA GLN B 56 18.44 -2.61 -7.54
C GLN B 56 17.16 -3.42 -7.61
N PHE B 57 16.17 -3.03 -6.82
CA PHE B 57 14.86 -3.67 -6.86
C PHE B 57 14.28 -3.65 -8.26
N TYR B 58 14.25 -2.48 -8.87
CA TYR B 58 13.70 -2.34 -10.21
C TYR B 58 14.54 -3.07 -11.24
N ASP B 59 15.86 -3.00 -11.10
CA ASP B 59 16.75 -3.74 -12.00
C ASP B 59 16.44 -5.22 -11.95
N LEU B 60 16.26 -5.76 -10.75
CA LEU B 60 16.01 -7.18 -10.60
C LEU B 60 14.69 -7.61 -11.25
N LEU B 61 13.66 -6.80 -11.04
CA LEU B 61 12.40 -7.02 -11.74
C LEU B 61 12.58 -6.98 -13.25
N SER B 62 13.25 -5.90 -13.73
CA SER B 62 13.49 -5.69 -15.15
C SER B 62 14.20 -6.88 -15.76
N GLY B 63 15.20 -7.37 -15.04
CA GLY B 63 15.97 -8.51 -15.50
C GLY B 63 15.14 -9.74 -15.72
N SER B 64 14.06 -9.88 -14.98
CA SER B 64 13.20 -11.07 -15.12
C SER B 64 12.29 -10.97 -16.36
N LEU B 65 12.06 -9.75 -16.83
CA LEU B 65 11.07 -9.49 -17.90
C LEU B 65 11.29 -10.26 -19.18
N GLU B 66 12.46 -10.03 -19.76
CA GLU B 66 12.78 -10.57 -21.08
C GLU B 66 12.97 -12.06 -20.99
N VAL B 67 13.44 -12.57 -19.85
CA VAL B 67 13.55 -14.01 -19.66
C VAL B 67 12.18 -14.66 -19.75
N ILE B 68 11.20 -14.03 -19.13
CA ILE B 68 9.90 -14.64 -19.09
C ILE B 68 9.23 -14.63 -20.46
N ARG B 69 9.28 -13.50 -21.17
CA ARG B 69 8.75 -13.50 -22.54
C ARG B 69 9.36 -14.63 -23.41
N LYS B 70 10.68 -14.83 -23.32
CA LYS B 70 11.35 -15.86 -24.10
C LYS B 70 10.91 -17.24 -23.64
N TRP B 71 10.83 -17.45 -22.33
CA TRP B 71 10.23 -18.69 -21.79
C TRP B 71 8.78 -18.95 -22.28
N ALA B 72 7.92 -17.94 -22.20
CA ALA B 72 6.53 -18.12 -22.60
C ALA B 72 6.42 -18.58 -24.03
N GLU B 73 7.24 -17.99 -24.91
CA GLU B 73 7.16 -18.29 -26.35
C GLU B 73 7.53 -19.73 -26.67
N LYS B 74 8.29 -20.36 -25.78
CA LYS B 74 8.64 -21.77 -25.95
C LYS B 74 7.57 -22.71 -25.41
N ILE B 75 6.49 -22.16 -24.84
CA ILE B 75 5.35 -22.98 -24.45
C ILE B 75 4.51 -23.27 -25.69
N PRO B 76 4.29 -24.54 -25.99
CA PRO B 76 3.49 -24.93 -27.15
C PRO B 76 2.07 -24.35 -27.15
N GLY B 77 1.77 -23.57 -28.19
CA GLY B 77 0.46 -23.00 -28.34
C GLY B 77 0.45 -21.57 -27.88
N PHE B 78 1.39 -21.22 -27.02
CA PHE B 78 1.38 -19.87 -26.50
C PHE B 78 1.59 -18.94 -27.67
N ALA B 79 2.53 -19.29 -28.54
CA ALA B 79 2.92 -18.39 -29.62
C ALA B 79 1.82 -18.25 -30.68
N GLU B 80 0.82 -19.13 -30.65
CA GLU B 80 -0.34 -19.13 -31.55
C GLU B 80 -1.61 -18.55 -30.92
N LEU B 81 -1.44 -17.66 -29.97
CA LEU B 81 -2.52 -16.81 -29.51
C LEU B 81 -2.46 -15.39 -30.10
N SER B 82 -3.59 -14.72 -30.08
CA SER B 82 -3.61 -13.31 -30.40
C SER B 82 -2.36 -12.62 -29.81
N PRO B 83 -1.61 -11.83 -30.60
CA PRO B 83 -0.59 -10.98 -30.02
C PRO B 83 -1.02 -10.16 -28.80
N ALA B 84 -2.23 -9.60 -28.83
CA ALA B 84 -2.76 -8.88 -27.66
C ALA B 84 -2.94 -9.80 -26.48
N ASP B 85 -3.47 -11.00 -26.74
CA ASP B 85 -3.65 -12.00 -25.71
C ASP B 85 -2.30 -12.41 -25.09
N GLN B 86 -1.29 -12.54 -25.93
CA GLN B 86 0.05 -12.85 -25.48
C GLN B 86 0.55 -11.80 -24.49
N ASP B 87 0.48 -10.54 -24.89
CA ASP B 87 0.96 -9.43 -24.07
C ASP B 87 0.16 -9.31 -22.79
N LEU B 88 -1.14 -9.52 -22.92
CA LEU B 88 -2.02 -9.43 -21.77
C LEU B 88 -1.64 -10.50 -20.80
N LEU B 89 -1.47 -11.73 -21.27
CA LEU B 89 -1.23 -12.84 -20.35
C LEU B 89 0.09 -12.60 -19.68
N LEU B 90 1.07 -12.10 -20.42
CA LEU B 90 2.37 -11.82 -19.84
C LEU B 90 2.40 -10.69 -18.83
N GLU B 91 1.66 -9.62 -19.07
CA GLU B 91 1.64 -8.51 -18.13
C GLU B 91 0.91 -8.87 -16.85
N SER B 92 -0.16 -9.62 -16.99
CA SER B 92 -0.97 -10.01 -15.85
C SER B 92 -0.25 -10.99 -14.97
N ALA B 93 0.55 -11.84 -15.60
CA ALA B 93 1.24 -12.89 -14.88
C ALA B 93 2.67 -12.55 -14.51
N PHE B 94 3.18 -11.37 -14.85
CA PHE B 94 4.60 -11.13 -14.65
C PHE B 94 5.03 -11.24 -13.20
N LEU B 95 4.42 -10.45 -12.34
CA LEU B 95 4.75 -10.49 -10.93
C LEU B 95 4.60 -11.86 -10.40
N GLU B 96 3.46 -12.47 -10.63
CA GLU B 96 3.22 -13.79 -10.02
C GLU B 96 4.24 -14.79 -10.56
N LEU B 97 4.73 -14.60 -11.78
CA LEU B 97 5.75 -15.50 -12.32
C LEU B 97 7.12 -15.26 -11.72
N PHE B 98 7.45 -13.99 -11.60
CA PHE B 98 8.70 -13.58 -10.98
C PHE B 98 8.82 -14.15 -9.57
N ILE B 99 7.73 -14.11 -8.83
CA ILE B 99 7.69 -14.55 -7.44
C ILE B 99 7.82 -16.05 -7.37
N LEU B 100 7.05 -16.74 -8.18
CA LEU B 100 7.01 -18.20 -8.14
C LEU B 100 8.34 -18.80 -8.54
N ARG B 101 8.93 -18.26 -9.59
CA ARG B 101 10.19 -18.78 -10.07
C ARG B 101 11.31 -18.46 -9.13
N LEU B 102 11.27 -17.26 -8.54
CA LEU B 102 12.23 -16.87 -7.52
C LEU B 102 12.12 -17.73 -6.26
N ALA B 103 10.89 -18.00 -5.83
CA ALA B 103 10.65 -18.79 -4.64
C ALA B 103 11.13 -20.22 -4.86
N TYR B 104 10.92 -20.74 -6.05
CA TYR B 104 11.32 -22.12 -6.33
C TYR B 104 12.85 -22.23 -6.42
N ARG B 105 13.49 -21.17 -6.87
CA ARG B 105 14.89 -21.16 -7.24
C ARG B 105 15.73 -20.91 -5.99
N SER B 106 15.18 -20.17 -5.04
CA SER B 106 15.92 -19.69 -3.92
C SER B 106 16.05 -20.75 -2.82
N LYS B 107 16.90 -20.46 -1.85
CA LYS B 107 17.17 -21.37 -0.73
C LYS B 107 16.84 -20.58 0.54
N PRO B 108 15.62 -20.72 1.05
CA PRO B 108 15.20 -19.94 2.22
C PRO B 108 15.89 -20.37 3.50
N GLY B 109 16.42 -21.60 3.53
CA GLY B 109 17.11 -22.11 4.71
C GLY B 109 18.36 -21.29 4.96
N GLU B 110 18.98 -20.83 3.88
CA GLU B 110 20.23 -20.09 3.96
C GLU B 110 19.96 -18.62 3.81
N GLY B 111 18.69 -18.25 3.78
CA GLY B 111 18.29 -16.86 3.59
C GLY B 111 18.77 -16.29 2.26
N LYS B 112 18.97 -17.14 1.26
CA LYS B 112 19.53 -16.65 0.02
C LYS B 112 18.62 -16.79 -1.18
N LEU B 113 18.53 -15.67 -1.88
CA LEU B 113 17.70 -15.47 -3.04
C LEU B 113 18.53 -15.64 -4.27
N ILE B 114 18.02 -16.38 -5.23
CA ILE B 114 18.74 -16.57 -6.46
C ILE B 114 17.91 -16.02 -7.60
N PHE B 115 18.48 -15.11 -8.37
CA PHE B 115 17.74 -14.48 -9.44
C PHE B 115 18.07 -15.19 -10.75
N CYS B 116 17.33 -14.90 -11.82
CA CYS B 116 17.49 -15.65 -13.07
C CYS B 116 18.76 -15.30 -13.86
N SER B 117 19.46 -14.25 -13.45
CA SER B 117 20.75 -13.93 -14.00
C SER B 117 21.81 -14.82 -13.41
N GLY B 118 21.46 -15.56 -12.36
CA GLY B 118 22.47 -16.28 -11.56
C GLY B 118 22.89 -15.52 -10.31
N LEU B 119 22.61 -14.21 -10.30
CA LEU B 119 22.93 -13.40 -9.14
C LEU B 119 22.37 -14.01 -7.85
N VAL B 120 23.23 -14.07 -6.84
CA VAL B 120 22.86 -14.58 -5.52
C VAL B 120 23.03 -13.46 -4.51
N LEU B 121 21.97 -13.18 -3.76
CA LEU B 121 21.98 -12.18 -2.71
C LEU B 121 21.32 -12.76 -1.49
N HIS B 122 21.60 -12.13 -0.36
CA HIS B 122 21.13 -12.59 0.91
C HIS B 122 19.91 -11.78 1.24
N ARG B 123 19.00 -12.36 2.01
CA ARG B 123 17.71 -11.70 2.25
C ARG B 123 17.87 -10.28 2.80
N LEU B 124 18.90 -10.04 3.61
CA LEU B 124 19.16 -8.72 4.15
C LEU B 124 19.64 -7.72 3.09
N GLN B 125 20.32 -8.23 2.07
CA GLN B 125 20.90 -7.35 1.05
C GLN B 125 19.83 -6.78 0.13
N CYS B 126 18.62 -7.36 0.17
CA CYS B 126 17.51 -6.76 -0.59
C CYS B 126 16.21 -6.57 0.20
N ALA B 127 16.18 -6.92 1.48
CA ALA B 127 15.15 -6.43 2.40
C ALA B 127 14.89 -4.94 2.23
N ARG B 128 15.96 -4.15 2.03
CA ARG B 128 15.84 -2.70 2.13
C ARG B 128 14.97 -2.18 1.02
N GLY B 129 15.22 -2.66 -0.20
CA GLY B 129 14.44 -2.27 -1.36
C GLY B 129 13.11 -3.00 -1.62
N PHE B 130 13.01 -4.26 -1.23
CA PHE B 130 11.75 -5.02 -1.35
C PHE B 130 10.77 -4.79 -0.19
N GLY B 131 11.30 -4.36 0.94
CA GLY B 131 10.52 -4.36 2.18
C GLY B 131 10.09 -5.75 2.59
N ASP B 132 9.00 -5.80 3.35
CA ASP B 132 8.39 -7.02 3.90
C ASP B 132 8.18 -8.12 2.90
N TRP B 133 7.82 -7.70 1.70
CA TRP B 133 7.53 -8.60 0.61
C TRP B 133 8.60 -9.71 0.49
N ILE B 134 9.87 -9.36 0.67
CA ILE B 134 10.93 -10.34 0.52
C ILE B 134 10.83 -11.44 1.55
N ASP B 135 10.39 -11.10 2.74
CA ASP B 135 10.20 -12.09 3.79
C ASP B 135 9.07 -13.04 3.43
N SER B 136 8.03 -12.46 2.83
CA SER B 136 6.84 -13.22 2.47
C SER B 136 7.09 -14.09 1.25
N ILE B 137 7.92 -13.58 0.35
CA ILE B 137 8.36 -14.40 -0.76
C ILE B 137 9.11 -15.60 -0.18
N LEU B 138 10.03 -15.33 0.76
CA LEU B 138 10.84 -16.41 1.35
C LEU B 138 10.01 -17.38 2.14
N ALA B 139 8.95 -16.89 2.77
CA ALA B 139 8.03 -17.75 3.51
C ALA B 139 7.37 -18.71 2.55
N PHE B 140 6.93 -18.17 1.42
CA PHE B 140 6.30 -18.96 0.37
C PHE B 140 7.28 -19.98 -0.21
N SER B 141 8.56 -19.61 -0.31
CA SER B 141 9.56 -20.48 -0.87
C SER B 141 9.71 -21.72 0.00
N ARG B 142 9.84 -21.51 1.31
CA ARG B 142 9.78 -22.59 2.30
C ARG B 142 8.58 -23.48 2.06
N SER B 143 7.41 -22.88 2.06
CA SER B 143 6.19 -23.63 1.93
C SER B 143 6.10 -24.41 0.62
N LEU B 144 6.60 -23.79 -0.45
CA LEU B 144 6.62 -24.40 -1.77
C LEU B 144 7.53 -25.58 -1.76
N HIS B 145 8.72 -25.38 -1.20
CA HIS B 145 9.69 -26.44 -1.09
C HIS B 145 9.23 -27.58 -0.22
N SER B 146 8.49 -27.31 0.85
CA SER B 146 8.10 -28.40 1.75
C SER B 146 7.25 -29.41 0.96
N LEU B 147 6.48 -28.90 0.02
CA LEU B 147 5.71 -29.73 -0.86
C LEU B 147 6.58 -30.52 -1.83
N LEU B 148 7.86 -30.18 -1.95
CA LEU B 148 8.79 -30.93 -2.79
C LEU B 148 8.24 -31.13 -4.19
N VAL B 149 8.17 -30.02 -4.92
CA VAL B 149 7.60 -30.04 -6.27
C VAL B 149 8.70 -30.30 -7.30
N ASP B 150 8.60 -31.44 -8.00
CA ASP B 150 9.62 -31.80 -8.99
C ASP B 150 9.54 -30.95 -10.25
N VAL B 151 10.64 -30.90 -10.96
CA VAL B 151 10.80 -29.94 -12.05
C VAL B 151 9.68 -30.01 -13.08
N PRO B 152 9.28 -31.21 -13.49
CA PRO B 152 8.18 -31.25 -14.46
C PRO B 152 6.88 -30.66 -13.88
N ALA B 153 6.53 -31.02 -12.66
CA ALA B 153 5.36 -30.43 -12.00
C ALA B 153 5.48 -28.91 -11.95
N PHE B 154 6.69 -28.42 -11.69
CA PHE B 154 6.89 -26.97 -11.70
C PHE B 154 6.77 -26.36 -13.09
N ALA B 155 7.26 -27.07 -14.08
CA ALA B 155 7.23 -26.59 -15.43
C ALA B 155 5.79 -26.46 -15.88
N CYS B 156 4.93 -27.31 -15.35
CA CYS B 156 3.49 -27.22 -15.62
C CYS B 156 2.84 -26.09 -14.85
N LEU B 157 3.12 -26.00 -13.55
CA LEU B 157 2.53 -24.94 -12.74
C LEU B 157 2.84 -23.55 -13.25
N SER B 158 4.08 -23.30 -13.62
CA SER B 158 4.49 -21.97 -14.03
C SER B 158 3.70 -21.59 -15.26
N ALA B 159 3.56 -22.55 -16.16
CA ALA B 159 2.79 -22.34 -17.36
C ALA B 159 1.34 -22.02 -17.04
N LEU B 160 0.82 -22.69 -16.01
CA LEU B 160 -0.56 -22.50 -15.59
C LEU B 160 -0.85 -21.12 -15.00
N VAL B 161 0.16 -20.50 -14.45
CA VAL B 161 0.03 -19.16 -13.90
C VAL B 161 -0.12 -18.17 -15.05
N LEU B 162 0.59 -18.45 -16.14
CA LEU B 162 0.58 -17.58 -17.28
C LEU B 162 -0.70 -17.75 -18.08
N ILE B 163 -1.06 -19.01 -18.33
CA ILE B 163 -2.13 -19.37 -19.24
C ILE B 163 -3.37 -19.61 -18.44
N THR B 164 -4.19 -18.57 -18.36
CA THR B 164 -5.28 -18.54 -17.40
C THR B 164 -6.22 -17.40 -17.79
N ASP B 165 -7.46 -17.45 -17.31
CA ASP B 165 -8.41 -16.39 -17.63
C ASP B 165 -7.94 -15.03 -17.10
N ARG B 166 -7.89 -14.04 -18.00
CA ARG B 166 -7.70 -12.64 -17.61
C ARG B 166 -8.79 -11.81 -18.29
N HIS B 167 -9.15 -10.73 -17.64
CA HIS B 167 -10.15 -9.83 -18.18
C HIS B 167 -9.57 -9.12 -19.38
N GLY B 168 -10.28 -9.20 -20.51
CA GLY B 168 -9.86 -8.54 -21.74
C GLY B 168 -9.33 -9.45 -22.82
N LEU B 169 -9.27 -10.75 -22.56
CA LEU B 169 -8.83 -11.72 -23.56
C LEU B 169 -9.72 -11.73 -24.78
N GLN B 170 -9.10 -11.76 -25.96
CA GLN B 170 -9.83 -11.90 -27.21
C GLN B 170 -10.32 -13.30 -27.43
N GLU B 171 -9.54 -14.31 -27.07
CA GLU B 171 -9.97 -15.67 -27.33
C GLU B 171 -9.93 -16.50 -26.06
N PRO B 172 -10.72 -16.10 -25.05
CA PRO B 172 -10.72 -16.75 -23.74
C PRO B 172 -10.75 -18.27 -23.80
N ARG B 173 -11.45 -18.85 -24.78
CA ARG B 173 -11.66 -20.29 -24.83
C ARG B 173 -10.41 -21.06 -25.29
N ARG B 174 -9.63 -20.47 -26.21
CA ARG B 174 -8.36 -21.09 -26.65
C ARG B 174 -7.34 -21.16 -25.53
N VAL B 175 -7.37 -20.11 -24.72
CA VAL B 175 -6.56 -20.01 -23.54
C VAL B 175 -7.00 -21.08 -22.55
N GLU B 176 -8.31 -21.19 -22.31
CA GLU B 176 -8.83 -22.22 -21.40
C GLU B 176 -8.53 -23.63 -21.92
N GLU B 177 -8.52 -23.80 -23.24
CA GLU B 177 -8.23 -25.11 -23.83
C GLU B 177 -6.78 -25.46 -23.59
N LEU B 178 -5.91 -24.48 -23.81
CA LEU B 178 -4.48 -24.63 -23.57
C LEU B 178 -4.20 -24.90 -22.09
N GLN B 179 -4.88 -24.18 -21.21
CA GLN B 179 -4.93 -24.54 -19.80
C GLN B 179 -5.23 -25.99 -19.56
N ASN B 180 -6.33 -26.47 -20.14
CA ASN B 180 -6.78 -27.84 -19.91
C ASN B 180 -5.70 -28.79 -20.34
N ARG B 181 -5.11 -28.55 -21.51
CA ARG B 181 -4.04 -29.41 -22.01
C ARG B 181 -2.90 -29.52 -20.99
N ILE B 182 -2.50 -28.37 -20.45
CA ILE B 182 -1.38 -28.32 -19.54
C ILE B 182 -1.74 -28.95 -18.21
N ALA B 183 -2.99 -28.77 -17.80
CA ALA B 183 -3.45 -29.39 -16.57
C ALA B 183 -3.48 -30.92 -16.69
N SER B 184 -3.87 -31.44 -17.86
CA SER B 184 -3.85 -32.89 -18.10
C SER B 184 -2.44 -33.39 -17.95
N CYS B 185 -1.54 -32.68 -18.62
CA CYS B 185 -0.13 -33.01 -18.62
C CYS B 185 0.37 -33.18 -17.20
N LEU B 186 0.01 -32.20 -16.36
CA LEU B 186 0.44 -32.17 -14.98
C LEU B 186 -0.15 -33.35 -14.20
N LYS B 187 -1.46 -33.54 -14.33
CA LYS B 187 -2.16 -34.60 -13.61
C LYS B 187 -1.55 -35.97 -13.94
N GLU B 188 -1.31 -36.22 -15.22
CA GLU B 188 -0.77 -37.49 -15.65
C GLU B 188 0.63 -37.64 -15.10
N HIS B 189 1.43 -36.58 -15.15
CA HIS B 189 2.75 -36.63 -14.55
C HIS B 189 2.73 -36.95 -13.05
N VAL B 190 1.83 -36.34 -12.29
CA VAL B 190 1.78 -36.62 -10.83
C VAL B 190 1.37 -38.07 -10.56
N ALA B 191 0.47 -38.61 -11.39
CA ALA B 191 0.06 -40.02 -11.30
C ALA B 191 1.18 -40.98 -11.74
N ALA B 192 1.86 -40.66 -12.85
CA ALA B 192 3.06 -41.40 -13.31
C ALA B 192 4.08 -41.62 -12.19
N VAL B 193 4.38 -40.55 -11.43
CA VAL B 193 5.24 -40.65 -10.26
C VAL B 193 4.60 -41.53 -9.16
N CYS B 202 -1.97 -33.85 -2.85
CA CYS B 202 -0.96 -33.37 -3.79
C CYS B 202 -1.58 -32.99 -5.13
N LEU B 203 -2.44 -33.86 -5.65
CA LEU B 203 -3.11 -33.61 -6.92
C LEU B 203 -3.68 -32.20 -6.97
N SER B 204 -3.94 -31.62 -5.80
CA SER B 204 -4.49 -30.27 -5.72
C SER B 204 -3.84 -29.49 -4.58
N ARG B 205 -2.86 -30.05 -3.93
CA ARG B 205 -2.18 -29.42 -2.84
C ARG B 205 -1.29 -28.40 -3.43
N LEU B 206 -0.74 -28.70 -4.58
CA LEU B 206 0.08 -27.73 -5.34
C LEU B 206 -0.80 -26.69 -6.04
N LEU B 207 -1.92 -27.09 -6.60
CA LEU B 207 -2.83 -26.13 -7.17
C LEU B 207 -3.33 -25.15 -6.10
N GLY B 208 -3.42 -25.62 -4.86
CA GLY B 208 -3.83 -24.77 -3.74
C GLY B 208 -2.87 -23.62 -3.50
N LYS B 209 -1.62 -23.79 -3.96
CA LYS B 209 -0.60 -22.76 -3.84
C LYS B 209 -0.95 -21.50 -4.59
N LEU B 210 -1.59 -21.62 -5.74
CA LEU B 210 -1.74 -20.47 -6.64
C LEU B 210 -2.52 -19.29 -5.96
N PRO B 211 -3.63 -19.58 -5.27
CA PRO B 211 -4.26 -18.56 -4.45
C PRO B 211 -3.33 -17.70 -3.64
N GLU B 212 -2.36 -18.30 -2.95
CA GLU B 212 -1.48 -17.50 -2.09
C GLU B 212 -0.45 -16.74 -2.88
N LEU B 213 -0.21 -17.18 -4.10
CA LEU B 213 0.66 -16.47 -5.01
C LEU B 213 0.03 -15.17 -5.47
N ARG B 214 -1.28 -15.16 -5.63
CA ARG B 214 -2.00 -13.92 -5.96
C ARG B 214 -1.81 -12.91 -4.87
N THR B 215 -1.98 -13.37 -3.63
CA THR B 215 -1.80 -12.52 -2.47
C THR B 215 -0.42 -11.92 -2.45
N LEU B 216 0.57 -12.73 -2.81
CA LEU B 216 1.94 -12.25 -2.85
C LEU B 216 2.18 -11.20 -3.97
N CYS B 217 1.49 -11.39 -5.09
CA CYS B 217 1.45 -10.38 -6.15
C CYS B 217 0.93 -9.04 -5.58
N THR B 218 -0.08 -9.11 -4.74
CA THR B 218 -0.66 -7.90 -4.20
C THR B 218 0.36 -7.10 -3.44
N GLN B 219 1.06 -7.76 -2.54
CA GLN B 219 2.19 -7.14 -1.85
C GLN B 219 3.17 -6.46 -2.79
N GLY B 220 3.47 -7.14 -3.91
CA GLY B 220 4.36 -6.59 -4.93
C GLY B 220 3.81 -5.26 -5.42
N LEU B 221 2.52 -5.27 -5.74
CA LEU B 221 1.88 -4.07 -6.24
C LEU B 221 1.92 -2.97 -5.21
N GLN B 222 1.70 -3.34 -3.95
CA GLN B 222 1.65 -2.39 -2.86
C GLN B 222 2.99 -1.75 -2.65
N ARG B 223 4.03 -2.54 -2.85
CA ARG B 223 5.40 -2.07 -2.69
C ARG B 223 5.73 -1.07 -3.77
N ILE B 224 5.31 -1.36 -4.99
CA ILE B 224 5.62 -0.49 -6.09
C ILE B 224 4.86 0.82 -5.94
N PHE B 225 3.60 0.70 -5.50
CA PHE B 225 2.81 1.88 -5.17
C PHE B 225 3.54 2.76 -4.19
N TYR B 226 4.11 2.14 -3.17
CA TYR B 226 4.78 2.87 -2.12
C TYR B 226 6.04 3.56 -2.61
N LEU B 227 6.77 2.85 -3.47
CA LEU B 227 8.01 3.38 -4.00
C LEU B 227 7.69 4.46 -4.98
N LYS B 228 6.57 4.30 -5.66
CA LYS B 228 6.14 5.29 -6.63
C LYS B 228 5.70 6.58 -5.92
N LEU B 229 5.05 6.43 -4.77
CA LEU B 229 4.82 7.56 -3.87
C LEU B 229 6.12 8.28 -3.52
N GLU B 230 7.06 7.58 -2.87
CA GLU B 230 8.27 8.23 -2.37
C GLU B 230 9.19 8.68 -3.51
N ASP B 231 9.16 7.97 -4.63
CA ASP B 231 9.86 8.41 -5.82
C ASP B 231 11.34 8.77 -5.68
N LEU B 232 12.15 7.93 -5.04
CA LEU B 232 13.60 8.18 -5.04
C LEU B 232 14.15 8.00 -6.44
N VAL B 233 13.70 6.92 -7.08
CA VAL B 233 13.91 6.73 -8.50
C VAL B 233 12.60 6.23 -9.09
N PRO B 234 12.26 6.67 -10.29
CA PRO B 234 11.05 6.22 -10.95
C PRO B 234 11.13 4.79 -11.48
N PRO B 235 9.97 4.12 -11.59
CA PRO B 235 10.04 2.81 -12.18
C PRO B 235 10.49 2.84 -13.65
N PRO B 236 11.11 1.75 -14.12
CA PRO B 236 11.35 1.64 -15.54
C PRO B 236 10.01 1.57 -16.24
N PRO B 237 9.94 2.11 -17.45
CA PRO B 237 8.65 2.26 -18.15
C PRO B 237 7.84 0.98 -18.31
N ILE B 238 8.53 -0.12 -18.55
CA ILE B 238 7.87 -1.39 -18.83
C ILE B 238 7.22 -1.94 -17.59
N ILE B 239 7.90 -1.76 -16.47
CA ILE B 239 7.41 -2.20 -15.16
C ILE B 239 6.26 -1.30 -14.73
N ASP B 240 6.46 0.00 -14.91
CA ASP B 240 5.43 0.97 -14.63
C ASP B 240 4.15 0.71 -15.44
N LYS B 241 4.32 0.28 -16.69
CA LYS B 241 3.19 -0.02 -17.55
C LYS B 241 2.38 -1.18 -17.00
N ILE B 242 3.07 -2.19 -16.51
CA ILE B 242 2.44 -3.37 -15.92
C ILE B 242 1.70 -2.98 -14.66
N PHE B 243 2.33 -2.14 -13.86
CA PHE B 243 1.74 -1.68 -12.62
C PHE B 243 0.40 -1.08 -12.91
N MET B 244 0.38 -0.16 -13.88
CA MET B 244 -0.84 0.59 -14.20
C MET B 244 -1.89 -0.32 -14.87
N ASP B 245 -1.46 -1.10 -15.86
CA ASP B 245 -2.38 -1.92 -16.67
C ASP B 245 -3.09 -2.95 -15.82
N THR B 246 -2.40 -3.43 -14.79
CA THR B 246 -2.92 -4.51 -13.94
C THR B 246 -3.72 -3.99 -12.76
N LEU B 247 -3.95 -2.68 -12.72
CA LEU B 247 -4.87 -2.11 -11.78
C LEU B 247 -6.29 -2.09 -12.33
N PRO B 248 -7.23 -2.78 -11.63
CA PRO B 248 -8.65 -2.73 -12.07
C PRO B 248 -9.36 -1.40 -11.72
N PHE B 249 -8.77 -0.28 -12.15
CA PHE B 249 -9.34 1.09 -11.99
C PHE B 249 -8.41 2.14 -12.63
#